data_4OMA
#
_entry.id   4OMA
#
_cell.length_a   56.270
_cell.length_b   122.890
_cell.length_c   126.610
_cell.angle_alpha   90.00
_cell.angle_beta   90.00
_cell.angle_gamma   90.00
#
_symmetry.space_group_name_H-M   'I 2 2 2'
#
loop_
_entity.id
_entity.type
_entity.pdbx_description
1 polymer 'methionine gamma-lyase'
2 non-polymer '[5-hydroxy-6-methyl-4-({[(4E)-3-oxo-1,2-oxazolidin-4-ylidene]amino}methyl)pyridin-3-yl]methyl dihydrogen phosphate'
3 non-polymer 'TRIETHYLENE GLYCOL'
4 non-polymer DI(HYDROXYETHYL)ETHER
5 non-polymer 'CHLORIDE ION'
6 water water
#
_entity_poly.entity_id   1
_entity_poly.type   'polypeptide(L)'
_entity_poly.pdbx_seq_one_letter_code
;MSDCRTYGFNTQIVHAGQQPDPSTGALSTPIFQTSTFVFDSAEQGAARFALEESGYIYTRLGNPTTDALEKKLAVLERGE
AGLATASGISAITTTLLTLCQQGDHIVSASAIYGCTHAFLSHSMPKFGINVSFVDAAKPEEIRAAMRPETKVVYIETPAN
PTLSLVDIETVAGIAHQQGALLVVDNTFMSPYCQQPLQLGADIVVHSVTKYINGHGDVIGGIIVGKQEFIDQARFVGLKD
ITGGCMSPFNAWLTLRGVKTLGIRMERHCENALKIARFLEGHPSITRVYYPGLSSHPQYELGQRQMSLPGGIISFEIAGG
LEAGRRMINSVELCLLAVSLGDTETLIQHPASMTHSPVAPEERLKAGITDGLIRLSVGLEDPEDIINDLEHAIRKATF
;
_entity_poly.pdbx_strand_id   A
#
# COMPACT_ATOMS: atom_id res chain seq x y z
N SER A 2 9.65 -23.47 16.00
CA SER A 2 8.49 -23.17 16.91
C SER A 2 8.29 -21.67 17.15
N ASP A 3 9.13 -20.87 16.48
CA ASP A 3 8.96 -19.42 16.42
C ASP A 3 8.62 -19.07 14.97
N CYS A 4 7.55 -18.30 14.82
CA CYS A 4 6.98 -17.81 13.52
C CYS A 4 8.12 -17.32 12.58
N ARG A 5 9.05 -16.58 13.19
CA ARG A 5 10.04 -15.84 12.44
C ARG A 5 11.16 -16.63 11.80
N THR A 6 11.19 -17.95 12.00
CA THR A 6 12.31 -18.75 11.49
C THR A 6 12.09 -19.49 10.19
N TYR A 7 10.83 -19.61 9.80
CA TYR A 7 10.49 -20.39 8.62
C TYR A 7 10.63 -19.53 7.35
N GLY A 8 10.61 -20.26 6.25
CA GLY A 8 10.59 -19.68 4.92
C GLY A 8 9.42 -18.74 4.76
N PHE A 9 9.56 -17.88 3.78
CA PHE A 9 8.58 -16.79 3.60
C PHE A 9 7.19 -17.25 3.27
N ASN A 10 7.08 -18.28 2.43
CA ASN A 10 5.76 -18.87 2.16
C ASN A 10 5.16 -19.50 3.39
N THR A 11 6.03 -20.21 4.19
CA THR A 11 5.52 -20.77 5.39
C THR A 11 5.02 -19.68 6.34
N GLN A 12 5.71 -18.55 6.41
CA GLN A 12 5.32 -17.42 7.23
C GLN A 12 4.01 -16.79 6.75
N ILE A 13 3.87 -16.72 5.42
CA ILE A 13 2.63 -16.16 4.95
C ILE A 13 1.42 -16.97 5.41
N VAL A 14 1.51 -18.29 5.27
CA VAL A 14 0.50 -19.18 5.79
C VAL A 14 0.35 -19.18 7.35
N HIS A 15 1.45 -19.32 8.10
CA HIS A 15 1.37 -19.60 9.53
C HIS A 15 1.60 -18.47 10.52
N ALA A 16 2.41 -17.45 10.17
CA ALA A 16 2.82 -16.45 11.11
C ALA A 16 1.62 -15.74 11.70
N GLY A 17 1.64 -15.58 12.99
CA GLY A 17 0.61 -14.89 13.72
C GLY A 17 -0.62 -15.71 14.09
N GLN A 18 -0.70 -16.92 13.55
CA GLN A 18 -1.85 -17.77 13.69
C GLN A 18 -1.45 -19.10 14.37
N GLN A 19 -2.42 -19.65 15.07
CA GLN A 19 -2.31 -21.00 15.61
C GLN A 19 -3.69 -21.54 15.85
N PRO A 20 -3.82 -22.88 16.00
CA PRO A 20 -5.13 -23.42 16.37
C PRO A 20 -5.70 -22.78 17.64
N ASP A 21 -7.01 -22.55 17.65
CA ASP A 21 -7.71 -21.97 18.79
C ASP A 21 -7.37 -22.78 20.08
N PRO A 22 -7.00 -22.11 21.15
CA PRO A 22 -6.54 -22.91 22.31
C PRO A 22 -7.61 -23.71 23.03
N SER A 23 -8.85 -23.25 22.99
CA SER A 23 -9.91 -23.86 23.75
C SER A 23 -10.58 -24.99 23.00
N THR A 24 -10.54 -24.96 21.66
CA THR A 24 -11.24 -25.92 20.86
C THR A 24 -10.41 -26.67 19.82
N GLY A 25 -9.26 -26.11 19.44
CA GLY A 25 -8.43 -26.66 18.36
C GLY A 25 -8.88 -26.16 16.96
N ALA A 26 -9.89 -25.32 16.95
CA ALA A 26 -10.34 -24.81 15.58
C ALA A 26 -9.15 -24.33 14.76
N LEU A 27 -9.02 -24.85 13.52
CA LEU A 27 -7.87 -24.44 12.69
C LEU A 27 -7.96 -22.96 12.20
N SER A 28 -9.08 -22.61 11.60
CA SER A 28 -9.28 -21.20 11.17
C SER A 28 -9.26 -20.30 12.40
N THR A 29 -8.57 -19.17 12.30
CA THR A 29 -8.66 -18.15 13.36
C THR A 29 -10.13 -17.82 13.60
N PRO A 30 -10.65 -18.02 14.82
CA PRO A 30 -12.04 -17.67 15.14
C PRO A 30 -12.28 -16.16 14.83
N ILE A 31 -13.48 -15.87 14.29
CA ILE A 31 -13.86 -14.50 14.26
C ILE A 31 -14.41 -14.03 15.59
N PHE A 32 -13.57 -13.29 16.30
CA PHE A 32 -13.95 -12.68 17.58
C PHE A 32 -14.69 -11.36 17.33
N GLN A 33 -15.93 -11.50 16.86
CA GLN A 33 -16.74 -10.38 16.45
C GLN A 33 -17.50 -9.99 17.72
N THR A 34 -16.78 -9.28 18.60
CA THR A 34 -17.26 -8.84 19.84
C THR A 34 -16.90 -7.39 20.03
N SER A 35 -17.65 -6.67 20.87
CA SER A 35 -17.20 -5.34 21.32
C SER A 35 -16.30 -5.45 22.60
N THR A 36 -16.75 -6.25 23.52
CA THR A 36 -16.07 -6.26 24.84
C THR A 36 -15.70 -7.62 25.26
N PHE A 37 -14.98 -7.62 26.43
CA PHE A 37 -14.36 -8.81 26.95
C PHE A 37 -14.64 -8.80 28.43
N VAL A 38 -14.92 -9.99 28.98
CA VAL A 38 -15.35 -10.15 30.36
C VAL A 38 -14.13 -10.55 31.19
N PHE A 39 -14.01 -9.91 32.35
CA PHE A 39 -12.93 -10.17 33.28
C PHE A 39 -13.37 -11.22 34.31
N ASP A 40 -12.40 -11.99 34.83
CA ASP A 40 -12.64 -13.00 35.85
C ASP A 40 -12.91 -12.36 37.16
N SER A 41 -12.23 -11.24 37.38
CA SER A 41 -12.38 -10.47 38.59
C SER A 41 -12.07 -8.99 38.41
N ALA A 42 -12.41 -8.20 39.42
CA ALA A 42 -12.01 -6.80 39.43
C ALA A 42 -10.52 -6.71 39.27
N GLU A 43 -9.78 -7.66 39.90
CA GLU A 43 -8.33 -7.65 39.90
C GLU A 43 -7.78 -7.85 38.52
N GLN A 44 -8.28 -8.90 37.87
CA GLN A 44 -7.88 -9.15 36.47
C GLN A 44 -8.12 -7.89 35.62
N GLY A 45 -9.23 -7.22 35.87
CA GLY A 45 -9.59 -6.04 35.05
C GLY A 45 -8.63 -4.86 35.17
N ALA A 46 -8.26 -4.56 36.42
CA ALA A 46 -7.28 -3.51 36.79
C ALA A 46 -5.91 -3.78 36.20
N ALA A 47 -5.47 -5.02 36.37
CA ALA A 47 -4.17 -5.43 35.85
C ALA A 47 -4.10 -5.01 34.36
N ARG A 48 -5.15 -5.35 33.62
CA ARG A 48 -5.13 -5.04 32.15
C ARG A 48 -5.12 -3.58 31.80
N PHE A 49 -5.99 -2.84 32.45
CA PHE A 49 -6.12 -1.43 32.17
C PHE A 49 -4.86 -0.71 32.56
N ALA A 50 -4.19 -1.22 33.58
CA ALA A 50 -3.00 -0.54 34.04
C ALA A 50 -1.94 -0.59 32.95
N LEU A 51 -2.16 -1.51 32.00
CA LEU A 51 -1.17 -2.01 31.07
C LEU A 51 -0.13 -2.77 31.87
N GLU A 52 -0.56 -3.37 32.97
CA GLU A 52 0.34 -4.15 33.82
C GLU A 52 0.14 -5.66 33.62
N GLU A 53 -0.73 -6.04 32.68
CA GLU A 53 -0.86 -7.45 32.31
C GLU A 53 -1.49 -7.61 30.93
N SER A 54 -1.24 -8.77 30.34
CA SER A 54 -1.72 -9.08 28.99
C SER A 54 -3.17 -9.62 28.98
N GLY A 55 -3.83 -9.48 27.83
CA GLY A 55 -5.17 -9.99 27.63
C GLY A 55 -5.98 -8.86 27.02
N TYR A 56 -7.25 -9.10 26.77
CA TYR A 56 -8.09 -8.15 26.01
C TYR A 56 -9.04 -7.38 26.91
N ILE A 57 -9.45 -6.21 26.43
CA ILE A 57 -10.34 -5.33 27.14
C ILE A 57 -11.58 -4.91 26.28
N TYR A 58 -11.31 -4.44 25.09
CA TYR A 58 -12.32 -3.86 24.29
C TYR A 58 -11.75 -3.73 22.87
N THR A 59 -12.60 -4.05 21.90
CA THR A 59 -12.13 -4.21 20.50
C THR A 59 -11.48 -2.97 19.84
N ARG A 60 -11.87 -1.76 20.25
CA ARG A 60 -11.14 -0.59 19.74
C ARG A 60 -9.66 -0.59 20.13
N LEU A 61 -9.34 -1.12 21.31
CA LEU A 61 -7.98 -1.19 21.79
C LEU A 61 -7.22 -2.35 21.19
N GLY A 62 -7.91 -3.49 21.04
CA GLY A 62 -7.34 -4.70 20.52
C GLY A 62 -8.30 -5.87 20.57
N ASN A 63 -7.98 -6.91 19.80
CA ASN A 63 -8.87 -8.03 19.57
C ASN A 63 -8.03 -9.21 19.10
N PRO A 64 -8.47 -10.42 19.46
CA PRO A 64 -7.62 -11.64 19.09
C PRO A 64 -7.47 -11.91 17.59
N THR A 65 -8.56 -11.66 16.86
CA THR A 65 -8.50 -11.88 15.44
C THR A 65 -7.54 -10.86 14.81
N THR A 66 -7.68 -9.61 15.21
CA THR A 66 -6.91 -8.51 14.65
C THR A 66 -5.47 -8.61 15.05
N ASP A 67 -5.25 -9.09 16.31
CA ASP A 67 -3.88 -9.33 16.69
C ASP A 67 -3.12 -10.33 15.84
N ALA A 68 -3.80 -11.40 15.40
CA ALA A 68 -3.20 -12.35 14.51
C ALA A 68 -2.72 -11.72 13.25
N LEU A 69 -3.59 -10.84 12.66
CA LEU A 69 -3.21 -10.12 11.45
C LEU A 69 -2.04 -9.17 11.63
N GLU A 70 -2.04 -8.47 12.79
CA GLU A 70 -0.99 -7.56 13.13
C GLU A 70 0.33 -8.31 13.33
N LYS A 71 0.32 -9.46 14.00
CA LYS A 71 1.54 -10.22 14.19
C LYS A 71 2.05 -10.81 12.86
N LYS A 72 1.14 -11.34 12.05
CA LYS A 72 1.54 -11.86 10.76
C LYS A 72 2.28 -10.80 9.94
N LEU A 73 1.66 -9.65 9.76
CA LEU A 73 2.25 -8.64 8.93
C LEU A 73 3.58 -8.05 9.50
N ALA A 74 3.67 -7.96 10.83
CA ALA A 74 4.95 -7.63 11.48
C ALA A 74 6.03 -8.65 11.06
N VAL A 75 5.69 -9.95 11.17
CA VAL A 75 6.63 -10.97 10.71
C VAL A 75 7.05 -10.77 9.23
N LEU A 76 6.05 -10.66 8.35
CA LEU A 76 6.34 -10.49 6.91
C LEU A 76 7.17 -9.27 6.54
N GLU A 77 7.01 -8.15 7.25
CA GLU A 77 7.79 -6.91 7.02
C GLU A 77 9.08 -6.85 7.83
N ARG A 78 9.29 -7.87 8.69
CA ARG A 78 10.44 -7.88 9.60
C ARG A 78 10.42 -6.65 10.51
N GLY A 79 9.26 -6.38 11.09
CA GLY A 79 9.10 -5.33 12.03
C GLY A 79 8.74 -5.96 13.39
N GLU A 80 8.78 -5.12 14.42
CA GLU A 80 8.45 -5.60 15.76
C GLU A 80 6.94 -5.83 16.00
N ALA A 81 6.07 -4.96 15.46
CA ALA A 81 4.71 -4.94 15.88
C ALA A 81 3.90 -4.32 14.72
N GLY A 82 2.67 -4.75 14.72
CA GLY A 82 1.64 -4.26 13.78
C GLY A 82 0.42 -3.63 14.44
N LEU A 83 -0.31 -2.79 13.65
CA LEU A 83 -1.55 -2.24 14.11
C LEU A 83 -2.45 -2.09 12.88
N ALA A 84 -3.58 -2.79 12.92
CA ALA A 84 -4.58 -2.76 11.86
C ALA A 84 -5.48 -1.57 11.98
N THR A 85 -5.98 -1.09 10.81
CA THR A 85 -6.78 0.08 10.84
C THR A 85 -7.96 -0.07 9.87
N ALA A 86 -8.83 0.91 9.96
CA ALA A 86 -10.10 0.93 9.20
C ALA A 86 -9.86 1.06 7.75
N SER A 87 -8.71 1.60 7.39
CA SER A 87 -8.37 1.86 5.97
C SER A 87 -6.92 2.21 5.83
N GLY A 88 -6.44 2.13 4.60
CA GLY A 88 -5.05 2.58 4.31
C GLY A 88 -4.82 4.03 4.70
N ILE A 89 -5.79 4.89 4.40
CA ILE A 89 -5.71 6.25 4.82
C ILE A 89 -5.54 6.36 6.34
N SER A 90 -6.32 5.62 7.08
CA SER A 90 -6.26 5.66 8.51
C SER A 90 -4.92 5.11 9.00
N ALA A 91 -4.30 4.15 8.29
CA ALA A 91 -2.92 3.74 8.66
C ALA A 91 -1.94 4.90 8.55
N ILE A 92 -2.09 5.71 7.49
CA ILE A 92 -1.17 6.81 7.21
C ILE A 92 -1.41 7.93 8.19
N THR A 93 -2.69 8.26 8.42
CA THR A 93 -3.00 9.38 9.33
C THR A 93 -2.80 9.05 10.80
N THR A 94 -3.16 7.84 11.19
CA THR A 94 -2.93 7.43 12.58
C THR A 94 -1.44 7.57 12.88
N THR A 95 -0.62 7.09 11.95
CA THR A 95 0.87 7.20 12.02
C THR A 95 1.30 8.66 12.12
N LEU A 96 0.90 9.54 11.21
CA LEU A 96 1.49 10.86 11.11
C LEU A 96 0.93 11.74 12.20
N LEU A 97 -0.33 11.54 12.60
CA LEU A 97 -0.95 12.33 13.66
C LEU A 97 -0.45 11.87 15.02
N THR A 98 0.05 10.66 15.04
CA THR A 98 0.65 10.20 16.30
C THR A 98 2.03 10.85 16.41
N LEU A 99 2.75 10.95 15.28
CA LEU A 99 4.13 11.43 15.30
C LEU A 99 4.30 12.92 15.42
N CYS A 100 3.36 13.66 14.83
CA CYS A 100 3.53 15.05 14.58
C CYS A 100 2.55 15.91 15.36
N GLN A 101 2.96 17.12 15.68
CA GLN A 101 2.14 18.09 16.39
C GLN A 101 2.41 19.46 15.79
N GLN A 102 1.62 20.44 16.21
CA GLN A 102 1.70 21.84 15.71
C GLN A 102 3.14 22.29 15.72
N GLY A 103 3.63 22.85 14.62
CA GLY A 103 4.99 23.33 14.51
C GLY A 103 5.93 22.38 13.79
N ASP A 104 5.54 21.09 13.69
CA ASP A 104 6.30 20.09 12.99
C ASP A 104 6.18 20.20 11.46
N HIS A 105 7.09 19.50 10.82
CA HIS A 105 7.30 19.50 9.38
C HIS A 105 7.47 18.08 8.82
N ILE A 106 6.96 17.86 7.62
CA ILE A 106 7.08 16.60 6.91
C ILE A 106 7.62 16.92 5.53
N VAL A 107 8.55 16.11 5.10
CA VAL A 107 8.99 16.10 3.73
C VAL A 107 8.34 14.89 3.09
N SER A 108 7.52 15.13 2.05
CA SER A 108 6.81 14.08 1.34
C SER A 108 7.18 14.06 -0.14
N ALA A 109 7.19 12.84 -0.71
CA ALA A 109 7.16 12.67 -2.14
C ALA A 109 5.91 13.41 -2.69
N SER A 110 6.05 13.89 -3.91
CA SER A 110 4.91 14.39 -4.65
C SER A 110 4.10 13.31 -5.27
N ALA A 111 4.79 12.28 -5.77
CA ALA A 111 4.17 11.18 -6.49
C ALA A 111 3.62 10.18 -5.53
N ILE A 112 2.50 10.56 -4.93
CA ILE A 112 1.77 9.76 -3.99
C ILE A 112 0.28 9.70 -4.34
N TYR A 113 -0.36 8.70 -3.71
CA TYR A 113 -1.79 8.49 -3.79
C TYR A 113 -2.56 9.79 -3.51
N GLY A 114 -3.59 10.02 -4.34
CA GLY A 114 -4.30 11.26 -4.32
C GLY A 114 -4.84 11.67 -2.98
N CYS A 115 -5.49 10.75 -2.27
CA CYS A 115 -6.11 11.11 -0.98
C CYS A 115 -5.04 11.39 0.05
N THR A 116 -3.92 10.67 0.01
CA THR A 116 -2.76 11.03 0.85
C THR A 116 -2.27 12.43 0.58
N HIS A 117 -2.20 12.78 -0.72
CA HIS A 117 -1.77 14.11 -1.12
C HIS A 117 -2.73 15.15 -0.52
N ALA A 118 -4.04 14.87 -0.55
CA ALA A 118 -5.03 15.84 -0.09
C ALA A 118 -4.93 16.02 1.40
N PHE A 119 -4.74 14.94 2.16
CA PHE A 119 -4.50 15.09 3.60
C PHE A 119 -3.28 15.99 3.92
N LEU A 120 -2.14 15.69 3.28
CA LEU A 120 -0.90 16.45 3.50
C LEU A 120 -0.96 17.88 2.99
N SER A 121 -1.65 18.11 1.88
CA SER A 121 -1.72 19.44 1.27
C SER A 121 -2.68 20.36 2.00
N HIS A 122 -3.84 19.84 2.39
CA HIS A 122 -4.93 20.72 2.88
C HIS A 122 -5.24 20.59 4.35
N SER A 123 -5.21 19.36 4.87
CA SER A 123 -5.54 19.12 6.28
C SER A 123 -4.40 19.29 7.25
N MET A 124 -3.25 18.65 6.99
CA MET A 124 -2.10 18.81 7.90
C MET A 124 -1.79 20.26 8.24
N PRO A 125 -1.68 21.14 7.22
CA PRO A 125 -1.29 22.51 7.53
C PRO A 125 -2.31 23.20 8.42
N LYS A 126 -3.56 22.78 8.34
CA LYS A 126 -4.59 23.40 9.18
C LYS A 126 -4.46 22.98 10.68
N PHE A 127 -3.63 21.94 10.94
CA PHE A 127 -3.27 21.58 12.32
C PHE A 127 -1.88 22.08 12.66
N GLY A 128 -1.34 22.97 11.84
CA GLY A 128 -0.03 23.58 12.12
C GLY A 128 1.13 22.68 11.78
N ILE A 129 0.89 21.66 10.97
CA ILE A 129 1.91 20.76 10.55
C ILE A 129 2.14 21.00 9.06
N ASN A 130 3.30 21.54 8.73
CA ASN A 130 3.64 21.89 7.36
C ASN A 130 4.29 20.76 6.61
N VAL A 131 4.00 20.70 5.32
CA VAL A 131 4.49 19.68 4.47
C VAL A 131 5.12 20.29 3.26
N SER A 132 6.34 19.84 2.96
CA SER A 132 7.07 20.20 1.76
C SER A 132 7.06 19.01 0.83
N PHE A 133 6.63 19.21 -0.41
CA PHE A 133 6.58 18.17 -1.39
C PHE A 133 7.75 18.28 -2.35
N VAL A 134 8.33 17.13 -2.68
CA VAL A 134 9.50 17.05 -3.51
C VAL A 134 9.36 15.87 -4.47
N ASP A 135 10.20 15.85 -5.49
CA ASP A 135 10.41 14.65 -6.30
C ASP A 135 11.38 13.70 -5.55
N ALA A 136 10.80 12.68 -4.94
CA ALA A 136 11.54 11.72 -4.14
C ALA A 136 12.45 10.76 -4.93
N ALA A 137 12.34 10.75 -6.26
CA ALA A 137 13.28 10.04 -7.13
C ALA A 137 14.66 10.73 -7.22
N LYS A 138 14.73 11.95 -6.67
CA LYS A 138 15.91 12.76 -6.56
C LYS A 138 16.19 12.97 -5.08
N PRO A 139 16.98 12.06 -4.49
CA PRO A 139 17.20 12.14 -3.04
C PRO A 139 17.79 13.49 -2.57
N GLU A 140 18.51 14.18 -3.43
CA GLU A 140 18.92 15.56 -3.10
C GLU A 140 17.78 16.55 -2.81
N GLU A 141 16.62 16.41 -3.47
CA GLU A 141 15.46 17.25 -3.18
C GLU A 141 14.93 16.99 -1.78
N ILE A 142 14.98 15.73 -1.37
CA ILE A 142 14.59 15.35 0.00
C ILE A 142 15.51 16.04 0.98
N ARG A 143 16.83 15.91 0.78
CA ARG A 143 17.78 16.56 1.69
C ARG A 143 17.55 18.07 1.76
N ALA A 144 17.39 18.71 0.61
CA ALA A 144 17.29 20.17 0.53
C ALA A 144 16.06 20.73 1.22
N ALA A 145 15.00 19.93 1.33
CA ALA A 145 13.75 20.36 1.94
C ALA A 145 13.68 20.12 3.44
N MET A 146 14.64 19.38 3.99
CA MET A 146 14.69 19.09 5.42
CA MET A 146 14.59 19.11 5.41
C MET A 146 14.89 20.37 6.23
N ARG A 147 14.24 20.46 7.38
CA ARG A 147 14.25 21.65 8.21
C ARG A 147 14.53 21.21 9.65
N PRO A 148 14.89 22.15 10.54
CA PRO A 148 15.09 21.61 11.92
C PRO A 148 13.81 20.99 12.47
N GLU A 149 12.64 21.43 11.97
CA GLU A 149 11.34 20.93 12.45
C GLU A 149 10.92 19.61 11.85
N THR A 150 11.69 19.11 10.88
CA THR A 150 11.27 17.89 10.15
C THR A 150 11.27 16.62 10.99
N LYS A 151 10.09 16.02 11.16
CA LYS A 151 9.95 14.80 11.98
C LYS A 151 9.96 13.52 11.13
N VAL A 152 9.50 13.66 9.88
CA VAL A 152 9.13 12.54 9.04
C VAL A 152 9.46 12.90 7.59
N VAL A 153 9.97 11.91 6.87
CA VAL A 153 10.06 11.85 5.42
C VAL A 153 9.09 10.76 4.99
N TYR A 154 8.25 11.08 3.99
CA TYR A 154 7.17 10.19 3.61
C TYR A 154 7.30 9.86 2.15
N ILE A 155 7.34 8.58 1.83
CA ILE A 155 7.48 8.09 0.44
C ILE A 155 6.59 6.87 0.10
N GLU A 156 6.23 6.77 -1.17
CA GLU A 156 5.71 5.57 -1.82
C GLU A 156 6.67 5.12 -2.93
N THR A 157 6.81 3.79 -3.05
CA THR A 157 7.58 3.18 -4.09
C THR A 157 7.16 1.74 -4.40
N PRO A 158 6.87 1.45 -5.67
CA PRO A 158 6.69 2.39 -6.78
C PRO A 158 5.58 3.39 -6.53
N ALA A 159 5.61 4.51 -7.27
CA ALA A 159 4.70 5.60 -7.06
C ALA A 159 3.52 5.47 -8.03
N ASN A 160 2.32 5.80 -7.52
CA ASN A 160 0.99 5.54 -8.17
C ASN A 160 0.64 5.97 -9.63
N PRO A 161 1.20 7.10 -10.15
CA PRO A 161 0.94 7.27 -11.59
C PRO A 161 1.85 6.34 -12.43
N THR A 162 3.12 6.75 -12.62
CA THR A 162 4.00 6.15 -13.60
C THR A 162 4.98 5.17 -12.98
N LEU A 163 4.74 4.71 -11.78
CA LEU A 163 5.63 3.66 -11.24
C LEU A 163 7.12 4.03 -11.25
N SER A 164 7.40 5.30 -10.96
CA SER A 164 8.73 5.76 -10.73
C SER A 164 9.08 5.17 -9.35
N LEU A 165 10.36 5.09 -9.08
CA LEU A 165 10.84 4.46 -7.80
C LEU A 165 11.51 5.47 -6.87
N VAL A 166 11.70 5.05 -5.61
CA VAL A 166 12.40 5.85 -4.65
C VAL A 166 13.37 4.90 -3.99
N ASP A 167 14.64 5.31 -3.91
CA ASP A 167 15.73 4.55 -3.30
C ASP A 167 15.56 4.59 -1.78
N ILE A 168 14.97 3.54 -1.24
CA ILE A 168 14.59 3.50 0.16
C ILE A 168 15.85 3.59 1.07
N GLU A 169 16.83 2.77 0.77
CA GLU A 169 18.04 2.76 1.61
C GLU A 169 18.70 4.14 1.62
N THR A 170 18.75 4.81 0.46
CA THR A 170 19.43 6.12 0.38
C THR A 170 18.63 7.18 1.12
N VAL A 171 17.32 7.20 0.90
CA VAL A 171 16.44 8.13 1.60
C VAL A 171 16.45 7.87 3.10
N ALA A 172 16.45 6.62 3.49
CA ALA A 172 16.54 6.34 4.94
C ALA A 172 17.75 6.95 5.58
N GLY A 173 18.91 6.77 4.95
CA GLY A 173 20.17 7.30 5.44
C GLY A 173 20.13 8.81 5.61
N ILE A 174 19.56 9.49 4.61
CA ILE A 174 19.34 10.93 4.65
C ILE A 174 18.40 11.42 5.75
N ALA A 175 17.21 10.81 5.82
CA ALA A 175 16.29 11.14 6.88
C ALA A 175 16.97 10.99 8.26
N HIS A 176 17.60 9.83 8.47
CA HIS A 176 18.24 9.54 9.78
C HIS A 176 19.35 10.46 10.07
N GLN A 177 20.10 10.85 9.07
CA GLN A 177 21.18 11.80 9.31
C GLN A 177 20.66 13.10 9.94
N GLN A 178 19.46 13.48 9.57
CA GLN A 178 18.89 14.70 10.04
C GLN A 178 17.93 14.47 11.18
N GLY A 179 17.91 13.28 11.77
CA GLY A 179 17.08 13.05 12.91
C GLY A 179 15.60 12.82 12.63
N ALA A 180 15.25 12.58 11.39
CA ALA A 180 13.88 12.24 11.04
C ALA A 180 13.62 10.74 10.83
N LEU A 181 12.36 10.37 10.90
CA LEU A 181 11.93 9.00 10.65
C LEU A 181 11.54 8.88 9.20
N LEU A 182 11.75 7.70 8.66
CA LEU A 182 11.28 7.37 7.30
C LEU A 182 10.06 6.42 7.32
N VAL A 183 8.95 6.93 6.73
CA VAL A 183 7.73 6.21 6.57
C VAL A 183 7.56 5.83 5.11
N VAL A 184 7.36 4.54 4.87
CA VAL A 184 7.21 4.05 3.52
C VAL A 184 5.86 3.37 3.40
N ASP A 185 5.09 3.81 2.41
CA ASP A 185 3.87 3.16 2.04
C ASP A 185 4.24 2.07 1.00
N ASN A 186 4.05 0.85 1.44
CA ASN A 186 4.45 -0.36 0.71
C ASN A 186 3.28 -1.09 0.04
N THR A 187 2.19 -0.37 -0.12
CA THR A 187 0.93 -0.96 -0.66
C THR A 187 1.12 -1.63 -2.03
N PHE A 188 1.77 -0.93 -2.97
CA PHE A 188 1.91 -1.47 -4.34
C PHE A 188 2.65 -2.80 -4.44
N MET A 189 3.61 -3.02 -3.54
N MET A 189 3.65 -2.99 -3.56
CA MET A 189 4.49 -4.18 -3.61
C MET A 189 4.05 -5.37 -2.71
N SER A 190 3.54 -5.07 -1.53
CA SER A 190 3.36 -6.04 -0.47
C SER A 190 4.72 -6.44 0.08
N PRO A 191 4.70 -7.04 1.29
CA PRO A 191 5.96 -7.52 1.82
C PRO A 191 6.57 -8.63 0.98
N TYR A 192 5.77 -9.41 0.23
CA TYR A 192 6.34 -10.40 -0.67
C TYR A 192 7.36 -9.85 -1.72
N CYS A 193 7.25 -8.57 -2.08
CA CYS A 193 8.03 -8.01 -3.18
C CYS A 193 9.01 -6.93 -2.75
N GLN A 194 8.79 -6.29 -1.63
CA GLN A 194 9.64 -5.23 -1.16
C GLN A 194 9.55 -5.21 0.40
N GLN A 195 10.68 -5.02 1.09
CA GLN A 195 10.67 -4.93 2.56
C GLN A 195 11.37 -3.65 3.07
N PRO A 196 10.62 -2.54 3.16
CA PRO A 196 11.28 -1.25 3.45
C PRO A 196 12.05 -1.23 4.77
N LEU A 197 11.51 -1.89 5.79
CA LEU A 197 12.28 -1.98 7.10
C LEU A 197 13.65 -2.56 6.98
N GLN A 198 13.83 -3.55 6.12
CA GLN A 198 15.14 -4.18 5.87
C GLN A 198 16.13 -3.22 5.20
N LEU A 199 15.62 -2.20 4.56
CA LEU A 199 16.41 -1.20 3.86
C LEU A 199 16.61 0.09 4.66
N GLY A 200 16.05 0.13 5.87
CA GLY A 200 16.27 1.26 6.75
C GLY A 200 15.07 2.07 7.12
N ALA A 201 13.93 1.81 6.49
CA ALA A 201 12.72 2.52 6.88
C ALA A 201 12.37 2.20 8.35
N ASP A 202 11.78 3.19 9.02
CA ASP A 202 11.31 3.06 10.41
C ASP A 202 9.91 2.50 10.52
N ILE A 203 9.00 2.88 9.59
CA ILE A 203 7.64 2.50 9.72
C ILE A 203 7.18 2.21 8.30
N VAL A 204 6.43 1.11 8.13
CA VAL A 204 5.73 0.75 6.92
C VAL A 204 4.27 0.84 7.15
N VAL A 205 3.58 1.39 6.12
CA VAL A 205 2.12 1.40 6.12
C VAL A 205 1.60 0.74 4.83
N HIS A 206 0.46 0.09 4.93
CA HIS A 206 -0.22 -0.44 3.80
C HIS A 206 -1.67 -0.07 3.81
N SER A 207 -2.24 0.15 2.59
CA SER A 207 -3.65 -0.18 2.39
C SER A 207 -3.75 -1.69 2.16
N VAL A 208 -4.30 -2.45 3.11
CA VAL A 208 -4.48 -3.88 2.91
C VAL A 208 -5.60 -4.16 1.96
N THR A 209 -6.32 -3.09 1.62
CA THR A 209 -7.37 -3.19 0.62
C THR A 209 -6.87 -3.76 -0.70
N LYS A 210 -5.60 -3.51 -0.97
CA LYS A 210 -4.97 -3.94 -2.22
CA LYS A 210 -4.96 -3.94 -2.22
C LYS A 210 -4.45 -5.38 -2.11
N TYR A 211 -3.19 -5.63 -2.43
CA TYR A 211 -2.70 -7.00 -2.58
C TYR A 211 -2.69 -7.83 -1.25
N ILE A 212 -2.55 -7.21 -0.10
CA ILE A 212 -2.46 -8.06 1.12
C ILE A 212 -3.78 -8.82 1.35
N ASN A 213 -4.93 -8.11 1.31
CA ASN A 213 -6.18 -8.81 1.24
C ASN A 213 -6.42 -9.51 -0.14
N GLY A 214 -6.25 -8.77 -1.24
CA GLY A 214 -6.15 -9.39 -2.55
C GLY A 214 -7.47 -9.72 -3.23
N HIS A 215 -8.58 -9.62 -2.50
CA HIS A 215 -9.88 -10.16 -2.95
C HIS A 215 -10.97 -9.07 -3.14
N GLY A 216 -10.57 -7.82 -3.08
CA GLY A 216 -11.52 -6.70 -3.47
C GLY A 216 -12.77 -6.56 -2.62
N ASP A 217 -12.69 -6.94 -1.35
CA ASP A 217 -13.83 -7.08 -0.49
C ASP A 217 -13.56 -6.54 0.96
N VAL A 218 -12.37 -5.93 1.17
CA VAL A 218 -12.01 -5.30 2.37
C VAL A 218 -11.37 -3.94 2.17
N ILE A 219 -11.85 -2.94 2.90
CA ILE A 219 -11.13 -1.69 3.05
C ILE A 219 -10.38 -1.83 4.48
N GLY A 220 -9.10 -1.61 4.50
CA GLY A 220 -8.31 -1.74 5.71
C GLY A 220 -6.89 -1.25 5.49
N GLY A 221 -6.15 -1.06 6.61
CA GLY A 221 -4.84 -0.58 6.53
C GLY A 221 -4.05 -1.33 7.61
N ILE A 222 -2.76 -1.21 7.53
CA ILE A 222 -1.90 -1.79 8.59
C ILE A 222 -0.65 -0.91 8.73
N ILE A 223 -0.07 -0.85 9.96
CA ILE A 223 1.10 -0.08 10.21
C ILE A 223 2.05 -1.07 10.91
N VAL A 224 3.29 -1.09 10.50
CA VAL A 224 4.30 -1.94 11.08
C VAL A 224 5.51 -1.08 11.50
N GLY A 225 6.09 -1.38 12.70
CA GLY A 225 7.17 -0.56 13.11
C GLY A 225 7.69 -1.18 14.46
N LYS A 226 8.49 -0.39 15.14
CA LYS A 226 9.01 -0.75 16.48
C LYS A 226 7.83 -0.76 17.42
N GLN A 227 7.89 -1.65 18.39
CA GLN A 227 6.91 -1.75 19.43
C GLN A 227 6.64 -0.41 20.13
N GLU A 228 7.67 0.42 20.39
CA GLU A 228 7.45 1.65 21.17
C GLU A 228 6.60 2.67 20.38
N PHE A 229 6.85 2.70 19.10
CA PHE A 229 5.99 3.51 18.15
C PHE A 229 4.60 2.95 17.98
N ILE A 230 4.51 1.67 17.71
CA ILE A 230 3.20 1.01 17.55
C ILE A 230 2.32 1.15 18.81
N ASP A 231 2.89 1.04 20.03
CA ASP A 231 2.12 1.28 21.24
C ASP A 231 1.48 2.66 21.31
N GLN A 232 2.20 3.68 20.83
CA GLN A 232 1.73 5.05 20.88
C GLN A 232 0.70 5.14 19.78
N ALA A 233 1.01 4.51 18.68
CA ALA A 233 -0.01 4.56 17.57
C ALA A 233 -1.34 3.90 17.99
N ARG A 234 -1.26 2.85 18.78
CA ARG A 234 -2.45 2.20 19.26
C ARG A 234 -3.12 2.97 20.39
N PHE A 235 -2.38 3.25 21.47
CA PHE A 235 -2.98 3.80 22.62
C PHE A 235 -3.19 5.29 22.62
N VAL A 236 -2.72 5.97 21.58
CA VAL A 236 -3.04 7.39 21.39
C VAL A 236 -3.68 7.63 20.02
N GLY A 237 -2.94 7.31 18.99
CA GLY A 237 -3.38 7.57 17.63
C GLY A 237 -4.75 6.97 17.34
N LEU A 238 -4.85 5.67 17.50
CA LEU A 238 -6.04 4.97 17.19
C LEU A 238 -7.11 5.14 18.27
N LYS A 239 -6.73 5.02 19.55
CA LYS A 239 -7.64 5.03 20.65
C LYS A 239 -8.35 6.35 20.79
N ASP A 240 -7.57 7.42 20.61
CA ASP A 240 -8.00 8.76 20.89
C ASP A 240 -8.27 9.64 19.63
N ILE A 241 -7.40 9.58 18.62
CA ILE A 241 -7.38 10.58 17.56
C ILE A 241 -8.18 10.18 16.33
N THR A 242 -7.82 9.07 15.66
CA THR A 242 -8.54 8.67 14.48
C THR A 242 -9.73 7.76 14.77
N GLY A 243 -9.67 6.96 15.84
CA GLY A 243 -10.69 6.01 16.09
C GLY A 243 -10.78 4.90 15.03
N GLY A 244 -9.73 4.80 14.21
CA GLY A 244 -9.73 3.97 13.05
C GLY A 244 -9.45 2.50 13.22
N CYS A 245 -10.24 1.82 14.06
CA CYS A 245 -9.99 0.43 14.34
C CYS A 245 -10.60 -0.40 13.22
N MET A 246 -9.97 -1.51 12.96
CA MET A 246 -10.45 -2.53 12.06
C MET A 246 -11.50 -3.45 12.69
N SER A 247 -12.57 -3.72 11.93
CA SER A 247 -13.53 -4.76 12.30
C SER A 247 -12.90 -6.17 12.39
N PRO A 248 -13.29 -6.95 13.38
CA PRO A 248 -12.63 -8.30 13.46
C PRO A 248 -12.93 -9.14 12.22
N PHE A 249 -14.13 -8.96 11.66
CA PHE A 249 -14.48 -9.63 10.37
C PHE A 249 -13.59 -9.20 9.21
N ASN A 250 -13.30 -7.90 9.11
CA ASN A 250 -12.29 -7.42 8.19
C ASN A 250 -10.92 -8.00 8.41
N ALA A 251 -10.53 -8.13 9.70
CA ALA A 251 -9.24 -8.73 9.92
C ALA A 251 -9.23 -10.19 9.47
N TRP A 252 -10.31 -10.91 9.76
CA TRP A 252 -10.44 -12.29 9.42
C TRP A 252 -10.37 -12.54 7.93
N LEU A 253 -11.09 -11.64 7.15
CA LEU A 253 -10.90 -11.77 5.79
C LEU A 253 -9.53 -11.48 5.22
N THR A 254 -8.87 -10.50 5.79
CA THR A 254 -7.56 -10.11 5.39
C THR A 254 -6.55 -11.25 5.71
N LEU A 255 -6.70 -11.85 6.90
CA LEU A 255 -5.92 -13.06 7.21
C LEU A 255 -6.14 -14.18 6.17
N ARG A 256 -7.40 -14.35 5.75
CA ARG A 256 -7.77 -15.36 4.79
C ARG A 256 -7.14 -15.05 3.42
N GLY A 257 -7.31 -13.81 2.99
CA GLY A 257 -6.72 -13.35 1.72
C GLY A 257 -5.20 -13.44 1.66
N VAL A 258 -4.58 -13.07 2.77
CA VAL A 258 -3.08 -13.01 2.83
C VAL A 258 -2.42 -14.41 2.74
N LYS A 259 -3.17 -15.48 3.08
CA LYS A 259 -2.69 -16.88 2.91
C LYS A 259 -2.14 -17.18 1.54
N THR A 260 -2.85 -16.65 0.50
CA THR A 260 -2.39 -16.83 -0.86
C THR A 260 -1.51 -15.66 -1.41
N LEU A 261 -0.97 -14.78 -0.55
CA LEU A 261 -0.17 -13.66 -1.01
C LEU A 261 0.98 -14.08 -1.94
N GLY A 262 1.79 -15.07 -1.53
CA GLY A 262 2.91 -15.50 -2.33
C GLY A 262 2.51 -15.94 -3.77
N ILE A 263 1.61 -16.89 -3.82
CA ILE A 263 1.18 -17.45 -5.08
C ILE A 263 0.44 -16.36 -5.89
N ARG A 264 -0.31 -15.47 -5.24
CA ARG A 264 -1.00 -14.36 -5.99
C ARG A 264 0.03 -13.41 -6.59
N MET A 265 0.99 -12.94 -5.80
CA MET A 265 2.01 -12.01 -6.28
C MET A 265 2.80 -12.62 -7.45
N GLU A 266 3.18 -13.91 -7.33
CA GLU A 266 3.91 -14.59 -8.40
C GLU A 266 3.08 -14.47 -9.69
N ARG A 267 1.79 -14.77 -9.61
CA ARG A 267 0.97 -14.83 -10.80
C ARG A 267 0.69 -13.42 -11.35
N HIS A 268 0.38 -12.50 -10.47
CA HIS A 268 0.15 -11.10 -10.84
C HIS A 268 1.33 -10.56 -11.65
N CYS A 269 2.54 -10.80 -11.14
CA CYS A 269 3.80 -10.30 -11.69
C CYS A 269 4.18 -11.08 -12.96
N GLU A 270 3.91 -12.40 -13.00
CA GLU A 270 4.18 -13.18 -14.22
C GLU A 270 3.28 -12.63 -15.35
N ASN A 271 2.01 -12.50 -14.98
CA ASN A 271 0.99 -11.90 -15.92
C ASN A 271 1.33 -10.51 -16.37
N ALA A 272 1.68 -9.63 -15.44
CA ALA A 272 2.02 -8.26 -15.76
C ALA A 272 3.24 -8.11 -16.65
N LEU A 273 4.31 -8.85 -16.38
CA LEU A 273 5.48 -8.81 -17.24
C LEU A 273 5.10 -9.15 -18.71
N LYS A 274 4.28 -10.18 -18.90
CA LYS A 274 3.84 -10.61 -20.22
CA LYS A 274 3.85 -10.59 -20.23
C LYS A 274 3.04 -9.48 -20.93
N ILE A 275 2.14 -8.87 -20.18
CA ILE A 275 1.28 -7.81 -20.67
C ILE A 275 2.10 -6.59 -20.97
N ALA A 276 3.05 -6.30 -20.11
CA ALA A 276 3.89 -5.17 -20.31
C ALA A 276 4.75 -5.33 -21.55
N ARG A 277 5.30 -6.52 -21.80
CA ARG A 277 6.08 -6.78 -23.00
C ARG A 277 5.15 -6.58 -24.22
N PHE A 278 3.92 -7.08 -24.13
CA PHE A 278 2.97 -6.93 -25.22
C PHE A 278 2.73 -5.46 -25.55
N LEU A 279 2.53 -4.69 -24.52
CA LEU A 279 2.22 -3.27 -24.67
C LEU A 279 3.44 -2.53 -25.23
N GLU A 280 4.65 -2.90 -24.77
CA GLU A 280 5.85 -2.31 -25.34
C GLU A 280 6.10 -2.55 -26.86
N GLY A 281 5.60 -3.66 -27.41
CA GLY A 281 5.73 -3.91 -28.83
C GLY A 281 4.58 -3.38 -29.64
N HIS A 282 3.60 -2.75 -29.00
CA HIS A 282 2.40 -2.31 -29.78
C HIS A 282 2.57 -0.92 -30.37
N PRO A 283 2.43 -0.80 -31.74
CA PRO A 283 2.71 0.49 -32.37
C PRO A 283 1.76 1.62 -31.94
N SER A 284 0.63 1.30 -31.32
CA SER A 284 -0.36 2.29 -30.84
C SER A 284 -0.16 2.73 -29.42
N ILE A 285 0.87 2.16 -28.80
CA ILE A 285 1.17 2.51 -27.40
C ILE A 285 2.49 3.28 -27.39
N THR A 286 2.41 4.55 -26.94
CA THR A 286 3.59 5.43 -26.97
C THR A 286 4.61 5.12 -25.85
N ARG A 287 4.09 4.80 -24.68
CA ARG A 287 4.97 4.53 -23.50
C ARG A 287 4.38 3.44 -22.64
N VAL A 288 5.28 2.68 -21.96
CA VAL A 288 4.82 1.70 -20.99
C VAL A 288 5.69 1.83 -19.77
N TYR A 289 5.03 2.02 -18.64
CA TYR A 289 5.66 2.22 -17.37
C TYR A 289 5.51 0.92 -16.59
N TYR A 290 6.61 0.20 -16.47
CA TYR A 290 6.60 -1.03 -15.69
C TYR A 290 8.00 -1.30 -15.21
N PRO A 291 8.19 -1.57 -13.91
CA PRO A 291 9.53 -1.76 -13.43
C PRO A 291 10.31 -2.93 -14.04
N GLY A 292 9.57 -3.91 -14.57
CA GLY A 292 10.15 -5.08 -15.16
C GLY A 292 10.64 -4.89 -16.58
N LEU A 293 10.38 -3.74 -17.19
CA LEU A 293 10.95 -3.45 -18.50
C LEU A 293 12.29 -2.77 -18.30
N SER A 294 13.30 -3.26 -18.99
CA SER A 294 14.64 -2.76 -18.87
C SER A 294 14.75 -1.31 -19.32
N SER A 295 13.77 -0.78 -20.04
CA SER A 295 13.85 0.62 -20.38
C SER A 295 13.37 1.52 -19.24
N HIS A 296 12.89 0.93 -18.16
CA HIS A 296 12.48 1.74 -17.02
C HIS A 296 13.70 2.52 -16.55
N PRO A 297 13.56 3.84 -16.35
CA PRO A 297 14.74 4.69 -16.06
C PRO A 297 15.46 4.37 -14.71
N GLN A 298 14.77 3.66 -13.83
CA GLN A 298 15.36 3.24 -12.58
C GLN A 298 15.39 1.72 -12.47
N TYR A 299 15.49 1.07 -13.62
CA TYR A 299 15.45 -0.40 -13.75
C TYR A 299 16.37 -1.10 -12.73
N GLU A 300 17.61 -0.65 -12.64
CA GLU A 300 18.66 -1.22 -11.76
CA GLU A 300 18.57 -1.38 -11.78
C GLU A 300 18.30 -1.16 -10.29
N LEU A 301 17.88 0.03 -9.87
CA LEU A 301 17.39 0.21 -8.50
C LEU A 301 16.26 -0.77 -8.19
N GLY A 302 15.32 -0.88 -9.12
CA GLY A 302 14.22 -1.77 -8.97
C GLY A 302 14.64 -3.21 -8.81
N GLN A 303 15.70 -3.62 -9.51
CA GLN A 303 16.26 -4.96 -9.37
C GLN A 303 16.90 -5.18 -7.99
N ARG A 304 17.44 -4.16 -7.38
CA ARG A 304 18.06 -4.30 -6.03
C ARG A 304 17.03 -4.31 -4.91
N GLN A 305 15.99 -3.54 -5.08
CA GLN A 305 15.08 -3.21 -4.01
C GLN A 305 13.81 -4.06 -3.99
N MET A 306 13.42 -4.58 -5.14
CA MET A 306 12.16 -5.33 -5.30
C MET A 306 12.50 -6.74 -5.77
N SER A 307 11.79 -7.74 -5.24
CA SER A 307 12.02 -9.12 -5.64
C SER A 307 11.28 -9.46 -6.89
N LEU A 308 10.20 -8.74 -7.17
CA LEU A 308 9.46 -8.90 -8.42
C LEU A 308 9.01 -7.51 -8.86
N PRO A 309 8.65 -7.36 -10.15
CA PRO A 309 8.43 -6.01 -10.59
C PRO A 309 6.98 -5.45 -10.40
N GLY A 310 6.12 -6.27 -9.79
CA GLY A 310 4.77 -5.89 -9.43
C GLY A 310 3.70 -6.23 -10.46
N GLY A 311 2.47 -5.92 -10.07
CA GLY A 311 1.27 -6.30 -10.79
C GLY A 311 0.61 -5.14 -11.50
N ILE A 312 1.20 -3.96 -11.40
CA ILE A 312 0.62 -2.68 -11.92
C ILE A 312 1.38 -2.22 -13.13
N ILE A 313 0.62 -1.78 -14.19
CA ILE A 313 1.27 -1.28 -15.35
C ILE A 313 0.54 0.03 -15.70
N SER A 314 1.29 1.07 -15.98
CA SER A 314 0.71 2.26 -16.61
C SER A 314 1.20 2.41 -18.06
N PHE A 315 0.35 3.02 -18.93
CA PHE A 315 0.79 3.14 -20.29
C PHE A 315 -0.01 4.21 -20.99
N GLU A 316 0.59 4.80 -22.02
CA GLU A 316 -0.06 5.88 -22.78
C GLU A 316 -0.42 5.37 -24.10
N ILE A 317 -1.64 5.70 -24.49
CA ILE A 317 -2.15 5.25 -25.78
C ILE A 317 -2.04 6.44 -26.71
N ALA A 318 -1.71 6.14 -27.98
CA ALA A 318 -1.69 7.09 -29.07
C ALA A 318 -3.04 7.75 -29.20
N GLY A 319 -3.03 9.07 -29.33
CA GLY A 319 -4.21 9.85 -29.55
C GLY A 319 -4.77 10.50 -28.32
N GLY A 320 -4.05 10.40 -27.19
CA GLY A 320 -4.40 11.19 -26.03
C GLY A 320 -5.76 10.87 -25.43
N LEU A 321 -6.46 11.89 -24.97
CA LEU A 321 -7.70 11.75 -24.16
C LEU A 321 -8.78 10.90 -24.79
N GLU A 322 -9.17 11.25 -26.01
CA GLU A 322 -10.22 10.57 -26.68
CA GLU A 322 -10.24 10.57 -26.67
C GLU A 322 -9.90 9.11 -26.96
N ALA A 323 -8.65 8.82 -27.28
CA ALA A 323 -8.29 7.46 -27.55
C ALA A 323 -8.28 6.66 -26.22
N GLY A 324 -7.95 7.33 -25.12
CA GLY A 324 -7.89 6.61 -23.85
C GLY A 324 -9.33 6.24 -23.40
N ARG A 325 -10.26 7.20 -23.63
CA ARG A 325 -11.67 7.04 -23.37
C ARG A 325 -12.23 5.94 -24.28
N ARG A 326 -11.92 5.97 -25.57
CA ARG A 326 -12.36 4.90 -26.50
C ARG A 326 -11.87 3.52 -26.02
N MET A 327 -10.61 3.47 -25.66
CA MET A 327 -9.97 2.22 -25.20
CA MET A 327 -10.01 2.19 -25.23
C MET A 327 -10.67 1.61 -23.97
N ILE A 328 -10.83 2.40 -22.92
CA ILE A 328 -11.45 1.84 -21.72
C ILE A 328 -12.96 1.53 -21.94
N ASN A 329 -13.64 2.21 -22.86
CA ASN A 329 -15.02 1.80 -23.18
C ASN A 329 -15.11 0.58 -24.07
N SER A 330 -13.99 0.10 -24.56
CA SER A 330 -13.96 -1.00 -25.45
C SER A 330 -13.48 -2.33 -24.86
N VAL A 331 -12.93 -2.29 -23.62
CA VAL A 331 -12.55 -3.56 -22.99
C VAL A 331 -13.82 -4.34 -22.56
N GLU A 332 -13.77 -5.67 -22.74
CA GLU A 332 -14.87 -6.56 -22.40
C GLU A 332 -14.50 -7.42 -21.19
N LEU A 333 -13.23 -7.60 -20.90
CA LEU A 333 -12.84 -8.46 -19.78
C LEU A 333 -12.32 -7.65 -18.55
N CYS A 334 -11.35 -6.81 -18.82
CA CYS A 334 -10.84 -5.82 -17.86
C CYS A 334 -12.01 -5.04 -17.34
N LEU A 335 -12.03 -4.77 -16.07
CA LEU A 335 -13.13 -4.00 -15.44
C LEU A 335 -12.73 -2.56 -15.10
N LEU A 336 -13.58 -1.63 -15.48
CA LEU A 336 -13.34 -0.21 -15.22
CA LEU A 336 -13.35 -0.21 -15.24
C LEU A 336 -13.64 0.12 -13.77
N ALA A 337 -12.61 0.45 -13.00
CA ALA A 337 -12.81 0.74 -11.61
C ALA A 337 -11.55 1.33 -11.03
N VAL A 338 -11.66 1.97 -9.88
CA VAL A 338 -10.48 2.39 -9.18
C VAL A 338 -10.08 1.21 -8.24
N SER A 339 -9.04 1.38 -7.50
CA SER A 339 -8.50 0.25 -6.76
C SER A 339 -7.60 -0.65 -7.64
N LEU A 340 -6.93 -1.59 -7.00
CA LEU A 340 -5.89 -2.41 -7.62
C LEU A 340 -5.64 -3.56 -6.67
N GLY A 341 -4.99 -4.57 -7.16
CA GLY A 341 -4.59 -5.68 -6.33
C GLY A 341 -5.66 -6.69 -6.02
N ASP A 342 -6.73 -6.70 -6.85
CA ASP A 342 -7.84 -7.64 -6.80
CA ASP A 342 -7.81 -7.69 -6.79
C ASP A 342 -7.49 -8.84 -7.76
N THR A 343 -8.24 -9.93 -7.68
CA THR A 343 -8.01 -11.09 -8.49
C THR A 343 -8.42 -10.80 -9.94
N GLU A 344 -9.31 -9.82 -10.05
N GLU A 344 -9.29 -9.82 -10.09
CA GLU A 344 -9.80 -9.34 -11.38
CA GLU A 344 -9.77 -9.47 -11.44
C GLU A 344 -8.85 -8.30 -11.94
C GLU A 344 -9.04 -8.25 -11.96
N THR A 345 -8.71 -8.29 -13.26
CA THR A 345 -8.04 -7.15 -13.94
C THR A 345 -8.94 -5.89 -13.94
N LEU A 346 -8.39 -4.77 -13.46
CA LEU A 346 -9.02 -3.46 -13.32
C LEU A 346 -8.25 -2.49 -14.14
N ILE A 347 -9.01 -1.55 -14.71
CA ILE A 347 -8.43 -0.54 -15.57
C ILE A 347 -9.05 0.82 -15.24
N GLN A 348 -8.24 1.86 -15.26
CA GLN A 348 -8.74 3.24 -15.10
C GLN A 348 -7.97 4.21 -16.00
N HIS A 349 -8.69 5.19 -16.53
CA HIS A 349 -8.14 6.18 -17.47
C HIS A 349 -8.24 7.47 -16.70
N PRO A 350 -7.27 7.78 -15.79
CA PRO A 350 -7.52 8.97 -14.97
C PRO A 350 -8.02 10.25 -15.78
N ALA A 351 -7.65 10.48 -17.06
CA ALA A 351 -8.01 11.79 -17.65
C ALA A 351 -9.52 11.94 -17.96
N SER A 352 -10.16 10.84 -18.40
CA SER A 352 -11.60 10.82 -18.72
C SER A 352 -12.45 10.35 -17.55
N MET A 353 -11.80 9.90 -16.48
CA MET A 353 -12.53 9.33 -15.36
C MET A 353 -12.27 10.18 -14.14
N THR A 354 -11.20 9.87 -13.44
CA THR A 354 -10.92 10.44 -12.15
C THR A 354 -10.58 11.92 -12.23
N HIS A 355 -10.15 12.43 -13.41
CA HIS A 355 -9.53 13.76 -13.48
C HIS A 355 -10.07 14.63 -14.67
N SER A 356 -11.29 14.30 -15.13
CA SER A 356 -11.94 14.96 -16.27
C SER A 356 -12.25 16.43 -16.01
N PRO A 357 -12.70 16.76 -14.77
CA PRO A 357 -12.94 18.17 -14.49
C PRO A 357 -11.66 18.95 -14.13
N VAL A 358 -10.54 18.25 -13.86
CA VAL A 358 -9.25 18.91 -13.56
C VAL A 358 -8.58 19.37 -14.87
N ALA A 359 -8.00 20.58 -14.84
CA ALA A 359 -7.46 21.25 -16.03
C ALA A 359 -6.32 20.47 -16.69
N PRO A 360 -6.24 20.42 -18.04
CA PRO A 360 -5.08 19.71 -18.64
C PRO A 360 -3.72 20.01 -17.96
N GLU A 361 -3.58 21.22 -17.41
CA GLU A 361 -2.32 21.72 -16.77
C GLU A 361 -1.92 21.13 -15.40
N GLU A 362 -2.83 21.06 -14.41
CA GLU A 362 -2.55 20.38 -13.14
C GLU A 362 -2.25 18.91 -13.41
N ARG A 363 -2.98 18.31 -14.36
CA ARG A 363 -2.84 16.88 -14.64
C ARG A 363 -1.39 16.54 -14.98
N LEU A 364 -0.81 17.32 -15.93
CA LEU A 364 0.61 17.19 -16.39
C LEU A 364 1.61 17.42 -15.23
N LYS A 365 1.45 18.54 -14.52
CA LYS A 365 2.16 18.76 -13.25
C LYS A 365 2.15 17.42 -12.50
N ALA A 366 0.94 16.87 -12.36
CA ALA A 366 0.65 15.69 -11.58
C ALA A 366 1.18 14.36 -12.16
N GLY A 367 1.76 14.39 -13.35
CA GLY A 367 2.35 13.20 -14.00
C GLY A 367 1.36 12.50 -14.92
N ILE A 368 0.26 13.19 -15.26
CA ILE A 368 -0.94 12.57 -15.84
C ILE A 368 -1.32 13.13 -17.21
N THR A 369 -1.09 12.32 -18.21
CA THR A 369 -1.21 12.77 -19.53
C THR A 369 -2.56 12.28 -20.04
N ASP A 370 -2.97 12.88 -21.13
CA ASP A 370 -4.29 12.60 -21.66
C ASP A 370 -4.52 11.12 -22.00
N GLY A 371 -3.44 10.44 -22.41
CA GLY A 371 -3.52 9.06 -22.90
C GLY A 371 -3.13 8.08 -21.80
N LEU A 372 -2.93 8.57 -20.58
CA LEU A 372 -2.40 7.62 -19.46
C LEU A 372 -3.51 6.70 -18.93
N ILE A 373 -3.24 5.40 -19.01
CA ILE A 373 -4.14 4.38 -18.54
C ILE A 373 -3.37 3.63 -17.41
N ARG A 374 -4.07 3.31 -16.32
CA ARG A 374 -3.48 2.44 -15.31
C ARG A 374 -4.20 1.08 -15.29
N LEU A 375 -3.41 0.01 -15.26
CA LEU A 375 -3.88 -1.29 -15.38
C LEU A 375 -3.41 -2.08 -14.11
N SER A 376 -4.37 -2.64 -13.41
CA SER A 376 -4.08 -3.59 -12.32
C SER A 376 -4.29 -5.00 -12.88
N VAL A 377 -3.19 -5.73 -13.10
CA VAL A 377 -3.23 -7.06 -13.63
C VAL A 377 -3.74 -8.10 -12.67
N GLY A 378 -4.77 -8.83 -13.05
CA GLY A 378 -5.34 -9.90 -12.21
C GLY A 378 -4.75 -11.30 -12.46
N LEU A 379 -5.56 -12.31 -12.07
CA LEU A 379 -5.17 -13.67 -12.15
C LEU A 379 -5.77 -14.44 -13.28
N GLU A 380 -6.32 -13.73 -14.29
CA GLU A 380 -6.86 -14.38 -15.40
C GLU A 380 -5.72 -14.93 -16.27
N ASP A 381 -6.06 -15.70 -17.33
CA ASP A 381 -5.07 -16.06 -18.34
C ASP A 381 -4.52 -14.82 -19.03
N PRO A 382 -3.20 -14.66 -19.07
CA PRO A 382 -2.75 -13.40 -19.67
C PRO A 382 -3.06 -13.27 -21.13
N GLU A 383 -3.17 -14.37 -21.85
CA GLU A 383 -3.56 -14.32 -23.27
C GLU A 383 -4.93 -13.66 -23.41
N ASP A 384 -5.82 -13.94 -22.49
CA ASP A 384 -7.16 -13.33 -22.50
C ASP A 384 -7.09 -11.83 -22.26
N ILE A 385 -6.34 -11.44 -21.28
CA ILE A 385 -6.14 -10.02 -20.99
C ILE A 385 -5.49 -9.32 -22.18
N ILE A 386 -4.43 -9.93 -22.75
CA ILE A 386 -3.72 -9.34 -23.89
C ILE A 386 -4.71 -9.21 -25.02
N ASN A 387 -5.49 -10.27 -25.27
CA ASN A 387 -6.47 -10.18 -26.41
C ASN A 387 -7.49 -9.10 -26.20
N ASP A 388 -7.95 -8.94 -24.99
CA ASP A 388 -8.94 -7.88 -24.64
C ASP A 388 -8.31 -6.49 -24.86
N LEU A 389 -7.09 -6.32 -24.38
CA LEU A 389 -6.34 -5.08 -24.61
C LEU A 389 -6.12 -4.77 -26.10
N GLU A 390 -5.73 -5.82 -26.86
CA GLU A 390 -5.33 -5.71 -28.27
C GLU A 390 -6.57 -5.23 -29.02
N HIS A 391 -7.69 -5.81 -28.68
CA HIS A 391 -8.96 -5.52 -29.31
C HIS A 391 -9.40 -4.06 -29.02
N ALA A 392 -9.29 -3.70 -27.76
CA ALA A 392 -9.69 -2.37 -27.29
C ALA A 392 -8.78 -1.27 -27.87
N ILE A 393 -7.47 -1.55 -27.92
CA ILE A 393 -6.48 -0.63 -28.44
C ILE A 393 -6.70 -0.44 -29.95
N ARG A 394 -6.94 -1.56 -30.68
CA ARG A 394 -7.12 -1.55 -32.14
C ARG A 394 -8.30 -0.67 -32.49
N LYS A 395 -9.42 -0.91 -31.83
CA LYS A 395 -10.61 -0.07 -31.88
C LYS A 395 -10.39 1.39 -31.56
N ALA A 396 -9.58 1.69 -30.58
CA ALA A 396 -9.47 3.06 -30.09
C ALA A 396 -8.62 3.95 -30.97
N THR A 397 -7.75 3.33 -31.77
CA THR A 397 -6.73 4.03 -32.51
C THR A 397 -6.96 3.87 -33.99
#